data_3UWP
#
_entry.id   3UWP
#
_cell.length_a   149.784
_cell.length_b   149.784
_cell.length_c   53.521
_cell.angle_alpha   90.000
_cell.angle_beta   90.000
_cell.angle_gamma   120.000
#
_symmetry.space_group_name_H-M   'P 65'
#
loop_
_entity.id
_entity.type
_entity.pdbx_description
1 polymer 'Histone-lysine N-methyltransferase, H3 lysine-79 specific'
2 non-polymer (2R,3R,4S,5R)-2-(4-AMINO-5-IODO-7H-PYRROLO[2,3-D]PYRIMIDIN-7-YL)-5-(HYDROXYMETHYL)TETRAHYDROFURAN-3,4-DIOL
3 non-polymer 'IODIDE ION'
4 non-polymer 'SODIUM ION'
5 non-polymer 'UNKNOWN ATOM OR ION'
6 water water
#
_entity_poly.entity_id   1
_entity_poly.type   'polypeptide(L)'
_entity_poly.pdbx_seq_one_letter_code
;MHHHHHHSSGRENLYFQGMGEKLELRLKSPVGAEPAVYPWPLPVYDKHHDAAHEIIETIRWVCEEIPDLKLAMENYVLID
YDTKSFESMQRLCDKYNRAIDSIHQLWKGTTQPMKLNTRPSTGLLRHILQQVYNHSVTDPEKLNNYEPFSPEVYGETSFD
LVAQMIDEIKMTDDDLFVDLGSGVGQVVLQVAAATNCKHHYGVEKADIPAKYAETMDREFRKWMKWYGKKHAEYTLERGD
FLSEEWRERIANTSVIFVNNFAFGPEVDHQLKERFANMKEGGRIVSSKPFAPLNFRINSRNLSDIGTIMRVVELSPLKGS
VSWTGKPVSYYLHTIDRTILENYFSSLKNPKLREEQEAARRRQQRESKSNAATPTKGPEGKVAGPADAPMDSGAEEEKAG
AATVKKPSPSKARKKKLNKKGRKMAGRKRGRPKKMNTA
;
_entity_poly.pdbx_strand_id   A
#
loop_
_chem_comp.id
_chem_comp.type
_chem_comp.name
_chem_comp.formula
5ID non-polymer (2R,3R,4S,5R)-2-(4-AMINO-5-IODO-7H-PYRROLO[2,3-D]PYRIMIDIN-7-YL)-5-(HYDROXYMETHYL)TETRAHYDROFURAN-3,4-DIOL 'C11 H13 I N4 O4'
IOD non-polymer 'IODIDE ION' 'I -1'
NA non-polymer 'SODIUM ION' 'Na 1'
UNX non-polymer 'UNKNOWN ATOM OR ION' ?
#
# COMPACT_ATOMS: atom_id res chain seq x y z
N LYS A 22 15.31 23.92 -26.41
CA LYS A 22 14.78 22.90 -25.45
C LYS A 22 13.93 21.85 -26.17
N LEU A 23 14.40 20.59 -26.15
CA LEU A 23 13.65 19.46 -26.68
C LEU A 23 12.90 18.76 -25.56
N GLU A 24 11.68 18.35 -25.85
CA GLU A 24 10.86 17.67 -24.86
C GLU A 24 9.81 16.81 -25.53
N LEU A 25 9.30 15.85 -24.78
CA LEU A 25 8.20 15.00 -25.20
C LEU A 25 7.02 15.29 -24.28
N ARG A 26 5.81 15.24 -24.84
CA ARG A 26 4.57 15.57 -24.10
C ARG A 26 3.58 14.44 -24.30
N LEU A 27 2.87 14.08 -23.25
CA LEU A 27 1.75 13.19 -23.35
C LEU A 27 0.52 13.89 -22.85
N LYS A 28 -0.50 13.99 -23.69
CA LYS A 28 -1.77 14.53 -23.21
C LYS A 28 -2.45 13.64 -22.17
N SER A 29 -3.12 14.24 -21.19
CA SER A 29 -3.94 13.50 -20.21
C SER A 29 -5.23 12.96 -20.90
N PRO A 30 -5.60 11.71 -20.62
CA PRO A 30 -6.87 11.23 -21.18
C PRO A 30 -8.10 11.98 -20.69
N VAL A 31 -7.98 12.77 -19.61
CA VAL A 31 -9.12 13.51 -19.10
C VAL A 31 -8.88 15.02 -19.15
N GLY A 32 -7.95 15.50 -19.98
CA GLY A 32 -7.75 16.95 -20.09
C GLY A 32 -7.03 17.68 -18.96
N ALA A 33 -6.42 16.96 -17.99
CA ALA A 33 -5.43 17.57 -17.07
C ALA A 33 -4.22 18.13 -17.87
N GLU A 34 -3.33 18.85 -17.20
CA GLU A 34 -2.14 19.39 -17.90
C GLU A 34 -1.28 18.22 -18.44
N PRO A 35 -0.64 18.42 -19.60
CA PRO A 35 0.09 17.32 -20.19
C PRO A 35 1.33 16.90 -19.36
N ALA A 36 1.70 15.64 -19.42
CA ALA A 36 2.98 15.19 -18.85
C ALA A 36 4.09 15.67 -19.79
N VAL A 37 5.08 16.36 -19.25
CA VAL A 37 6.20 16.87 -20.02
C VAL A 37 7.50 16.18 -19.58
N TYR A 38 8.26 15.68 -20.53
CA TYR A 38 9.53 14.99 -20.24
C TYR A 38 10.60 15.64 -21.00
N PRO A 39 11.67 16.10 -20.32
CA PRO A 39 12.78 16.66 -21.11
C PRO A 39 13.57 15.60 -21.87
N TRP A 40 14.25 16.02 -22.91
CA TRP A 40 15.21 15.22 -23.63
C TRP A 40 16.57 15.82 -23.39
N PRO A 41 17.58 14.99 -23.05
CA PRO A 41 17.58 13.54 -22.88
C PRO A 41 16.70 13.12 -21.73
N LEU A 42 16.09 11.96 -21.89
CA LEU A 42 15.11 11.49 -20.95
C LEU A 42 15.80 11.14 -19.64
N PRO A 43 15.17 11.50 -18.51
CA PRO A 43 15.72 11.16 -17.22
C PRO A 43 15.90 9.66 -17.02
N VAL A 44 16.93 9.32 -16.27
CA VAL A 44 17.06 8.03 -15.65
C VAL A 44 16.68 8.22 -14.17
N TYR A 45 15.81 7.36 -13.69
CA TYR A 45 15.22 7.53 -12.37
C TYR A 45 15.95 6.68 -11.34
N ASP A 46 16.28 5.46 -11.73
CA ASP A 46 17.15 4.59 -10.95
C ASP A 46 17.60 3.52 -11.90
N LYS A 47 18.21 2.47 -11.35
CA LYS A 47 18.92 1.48 -12.16
C LYS A 47 18.02 0.67 -13.10
N HIS A 48 16.76 0.45 -12.71
CA HIS A 48 15.82 -0.32 -13.58
C HIS A 48 14.68 0.49 -14.16
N HIS A 49 14.67 1.80 -13.94
CA HIS A 49 13.58 2.66 -14.41
C HIS A 49 14.08 3.93 -15.03
N ASP A 50 13.54 4.23 -16.21
CA ASP A 50 13.84 5.46 -16.91
C ASP A 50 12.60 6.04 -17.55
N ALA A 51 12.71 7.27 -18.03
CA ALA A 51 11.53 7.96 -18.52
C ALA A 51 10.98 7.36 -19.83
N ALA A 52 11.86 6.83 -20.67
CA ALA A 52 11.44 6.23 -21.95
C ALA A 52 10.43 5.11 -21.72
N HIS A 53 10.76 4.25 -20.77
CA HIS A 53 9.90 3.12 -20.46
CA HIS A 53 9.93 3.09 -20.38
C HIS A 53 8.69 3.53 -19.65
N GLU A 54 8.82 4.56 -18.81
CA GLU A 54 7.64 5.16 -18.18
C GLU A 54 6.63 5.69 -19.24
N ILE A 55 7.14 6.34 -20.28
CA ILE A 55 6.27 6.86 -21.35
C ILE A 55 5.55 5.73 -22.04
N ILE A 56 6.29 4.68 -22.40
CA ILE A 56 5.71 3.53 -23.07
C ILE A 56 4.67 2.84 -22.18
N GLU A 57 4.98 2.68 -20.89
CA GLU A 57 4.03 2.08 -19.95
C GLU A 57 2.81 2.96 -19.66
N THR A 58 2.99 4.26 -19.62
CA THR A 58 1.85 5.15 -19.47
C THR A 58 0.88 5.00 -20.66
N ILE A 59 1.42 4.99 -21.87
CA ILE A 59 0.61 4.84 -23.06
C ILE A 59 -0.14 3.51 -22.98
N ARG A 60 0.55 2.45 -22.56
CA ARG A 60 -0.09 1.15 -22.40
C ARG A 60 -1.27 1.17 -21.41
N TRP A 61 -1.07 1.83 -20.28
CA TRP A 61 -2.10 1.91 -19.25
C TRP A 61 -3.25 2.80 -19.63
N VAL A 62 -3.00 3.88 -20.38
CA VAL A 62 -4.14 4.67 -20.89
C VAL A 62 -4.95 3.82 -21.90
N CYS A 63 -4.28 2.99 -22.70
CA CYS A 63 -4.98 2.09 -23.61
C CYS A 63 -5.90 1.13 -22.87
N GLU A 64 -5.49 0.68 -21.68
CA GLU A 64 -6.32 -0.17 -20.84
C GLU A 64 -7.54 0.60 -20.33
N GLU A 65 -7.39 1.89 -20.08
CA GLU A 65 -8.54 2.71 -19.65
C GLU A 65 -9.48 3.00 -20.80
N ILE A 66 -8.97 3.10 -22.03
CA ILE A 66 -9.78 3.51 -23.18
C ILE A 66 -9.71 2.55 -24.38
N PRO A 67 -10.74 1.73 -24.58
CA PRO A 67 -10.77 0.79 -25.67
C PRO A 67 -10.45 1.35 -27.03
N ASP A 68 -11.03 2.49 -27.36
CA ASP A 68 -10.77 3.03 -28.67
C ASP A 68 -9.29 3.39 -28.90
N LEU A 69 -8.62 3.83 -27.84
CA LEU A 69 -7.19 4.10 -27.96
C LEU A 69 -6.41 2.80 -28.18
N LYS A 70 -6.73 1.77 -27.40
CA LYS A 70 -6.09 0.47 -27.56
C LYS A 70 -6.24 -0.04 -29.00
N LEU A 71 -7.42 0.15 -29.60
CA LEU A 71 -7.65 -0.27 -30.98
C LEU A 71 -6.77 0.50 -31.93
N ALA A 72 -6.72 1.81 -31.75
CA ALA A 72 -5.98 2.70 -32.67
C ALA A 72 -4.45 2.47 -32.62
N MET A 73 -3.89 2.18 -31.46
CA MET A 73 -2.44 1.98 -31.35
C MET A 73 -2.03 0.58 -31.90
N GLU A 74 -0.92 0.54 -32.64
CA GLU A 74 -0.33 -0.73 -33.11
C GLU A 74 0.42 -1.32 -31.91
N ASN A 75 -0.24 -2.22 -31.17
CA ASN A 75 0.14 -2.47 -29.76
C ASN A 75 1.48 -3.21 -29.57
N TYR A 76 1.78 -4.14 -30.47
CA TYR A 76 3.04 -4.93 -30.37
C TYR A 76 4.30 -4.12 -30.83
N VAL A 77 4.08 -3.08 -31.63
CA VAL A 77 5.15 -2.18 -32.09
C VAL A 77 5.70 -1.29 -30.96
N LEU A 78 4.99 -1.12 -29.84
CA LEU A 78 5.45 -0.18 -28.78
C LEU A 78 6.89 -0.47 -28.34
N ILE A 79 7.21 -1.75 -28.19
CA ILE A 79 8.57 -2.23 -27.86
C ILE A 79 9.64 -1.92 -28.95
N ASP A 80 9.22 -1.75 -30.21
CA ASP A 80 10.15 -1.53 -31.35
C ASP A 80 10.57 -0.06 -31.62
N TYR A 81 10.14 0.85 -30.77
CA TYR A 81 10.60 2.22 -30.88
C TYR A 81 12.00 2.32 -30.34
N ASP A 82 12.76 3.24 -30.88
CA ASP A 82 14.13 3.47 -30.43
C ASP A 82 14.08 4.50 -29.29
N THR A 83 14.26 4.01 -28.07
CA THR A 83 14.18 4.85 -26.88
C THR A 83 15.34 5.85 -26.78
N LYS A 84 16.35 5.67 -27.63
CA LYS A 84 17.50 6.56 -27.68
C LYS A 84 17.40 7.59 -28.79
N SER A 85 16.34 7.54 -29.58
CA SER A 85 16.16 8.47 -30.67
C SER A 85 15.03 9.43 -30.36
N PHE A 86 15.33 10.73 -30.33
CA PHE A 86 14.30 11.73 -30.06
C PHE A 86 13.20 11.62 -31.12
N GLU A 87 13.58 11.45 -32.38
CA GLU A 87 12.64 11.38 -33.48
C GLU A 87 11.73 10.16 -33.38
N SER A 88 12.27 9.03 -32.96
CA SER A 88 11.47 7.83 -32.77
C SER A 88 10.45 8.04 -31.62
N MET A 89 10.92 8.55 -30.50
CA MET A 89 10.07 8.70 -29.33
C MET A 89 8.99 9.79 -29.57
N GLN A 90 9.37 10.86 -30.25
CA GLN A 90 8.41 11.89 -30.60
C GLN A 90 7.30 11.35 -31.51
N ARG A 91 7.66 10.44 -32.41
CA ARG A 91 6.67 9.75 -33.29
C ARG A 91 5.63 8.97 -32.48
N LEU A 92 6.11 8.20 -31.48
CA LEU A 92 5.20 7.48 -30.60
C LEU A 92 4.28 8.43 -29.84
N CYS A 93 4.84 9.45 -29.21
CA CYS A 93 4.06 10.41 -28.42
C CYS A 93 3.04 11.15 -29.29
N ASP A 94 3.45 11.53 -30.53
CA ASP A 94 2.58 12.23 -31.47
C ASP A 94 1.43 11.33 -31.87
N LYS A 95 1.69 10.05 -32.09
CA LYS A 95 0.64 9.10 -32.42
C LYS A 95 -0.36 8.94 -31.28
N TYR A 96 0.14 8.81 -30.03
CA TYR A 96 -0.73 8.76 -28.86
C TYR A 96 -1.57 10.04 -28.72
N ASN A 97 -0.92 11.19 -28.83
CA ASN A 97 -1.61 12.49 -28.71
C ASN A 97 -2.68 12.76 -29.76
N ARG A 98 -2.44 12.33 -31.00
CA ARG A 98 -3.44 12.43 -32.06
C ARG A 98 -4.63 11.55 -31.75
N ALA A 99 -4.35 10.35 -31.25
CA ALA A 99 -5.41 9.42 -30.86
C ALA A 99 -6.25 9.98 -29.69
N ILE A 100 -5.60 10.53 -28.68
CA ILE A 100 -6.31 11.18 -27.57
C ILE A 100 -7.22 12.34 -28.09
N ASP A 101 -6.70 13.18 -28.97
CA ASP A 101 -7.52 14.27 -29.56
C ASP A 101 -8.76 13.70 -30.19
N SER A 102 -8.61 12.62 -30.98
CA SER A 102 -9.78 12.07 -31.71
C SER A 102 -10.78 11.44 -30.72
N ILE A 103 -10.28 10.80 -29.66
CA ILE A 103 -11.14 10.22 -28.61
C ILE A 103 -11.94 11.33 -27.87
N HIS A 104 -11.29 12.44 -27.59
CA HIS A 104 -11.98 13.61 -27.01
C HIS A 104 -13.04 14.14 -27.93
N GLN A 105 -12.81 14.13 -29.24
CA GLN A 105 -13.86 14.50 -30.20
C GLN A 105 -15.01 13.50 -30.20
N LEU A 106 -14.68 12.21 -30.15
CA LEU A 106 -15.67 11.14 -30.09
C LEU A 106 -16.61 11.31 -28.89
N TRP A 107 -16.05 11.70 -27.77
CA TRP A 107 -16.80 11.94 -26.55
C TRP A 107 -17.69 13.15 -26.60
N LYS A 108 -17.37 14.14 -27.44
CA LYS A 108 -18.29 15.27 -27.66
C LYS A 108 -19.52 14.84 -28.46
N GLY A 109 -19.42 13.70 -29.15
CA GLY A 109 -20.58 13.11 -29.82
C GLY A 109 -21.48 12.43 -28.81
N THR A 110 -22.29 11.49 -29.28
CA THR A 110 -23.19 10.71 -28.41
C THR A 110 -22.42 9.72 -27.53
N THR A 111 -21.28 9.22 -28.01
CA THR A 111 -20.46 8.30 -27.21
C THR A 111 -20.26 8.85 -25.80
N GLN A 112 -20.40 7.98 -24.81
CA GLN A 112 -20.30 8.37 -23.40
C GLN A 112 -18.82 8.49 -23.04
N PRO A 113 -18.43 9.59 -22.37
CA PRO A 113 -17.04 9.76 -21.91
C PRO A 113 -16.60 8.68 -20.93
N MET A 114 -15.29 8.50 -20.80
CA MET A 114 -14.77 7.59 -19.78
C MET A 114 -15.33 8.01 -18.42
N LYS A 115 -15.89 7.05 -17.68
CA LYS A 115 -16.41 7.32 -16.34
C LYS A 115 -15.29 7.97 -15.49
N LEU A 116 -15.65 9.04 -14.77
CA LEU A 116 -14.70 9.79 -13.95
C LEU A 116 -14.91 9.46 -12.47
N ASN A 117 -13.93 9.81 -11.64
CA ASN A 117 -14.01 9.52 -10.21
C ASN A 117 -14.22 8.01 -9.89
N THR A 118 -13.60 7.11 -10.66
CA THR A 118 -13.55 5.69 -10.33
C THR A 118 -12.15 5.33 -9.81
N ARG A 119 -12.03 4.20 -9.11
CA ARG A 119 -10.74 3.80 -8.56
C ARG A 119 -9.94 3.11 -9.65
N PRO A 120 -8.63 3.25 -9.63
CA PRO A 120 -7.79 2.57 -10.61
C PRO A 120 -7.83 1.06 -10.44
N SER A 121 -7.69 0.34 -11.54
CA SER A 121 -7.53 -1.09 -11.48
C SER A 121 -6.19 -1.37 -10.81
N THR A 122 -6.01 -2.59 -10.37
CA THR A 122 -4.78 -2.96 -9.71
C THR A 122 -3.54 -2.73 -10.56
N GLY A 123 -3.58 -3.15 -11.81
CA GLY A 123 -2.47 -2.91 -12.72
C GLY A 123 -2.13 -1.43 -12.95
N LEU A 124 -3.15 -0.60 -13.13
CA LEU A 124 -2.94 0.85 -13.32
C LEU A 124 -2.34 1.44 -12.03
N LEU A 125 -2.83 1.00 -10.88
CA LEU A 125 -2.34 1.50 -9.63
C LEU A 125 -0.86 1.16 -9.42
N ARG A 126 -0.46 -0.06 -9.73
CA ARG A 126 0.95 -0.40 -9.67
C ARG A 126 1.78 0.60 -10.50
N HIS A 127 1.34 0.81 -11.73
CA HIS A 127 2.04 1.75 -12.62
C HIS A 127 2.12 3.15 -12.04
N ILE A 128 1.00 3.64 -11.52
CA ILE A 128 0.95 5.00 -10.96
C ILE A 128 1.92 5.13 -9.79
N LEU A 129 1.93 4.12 -8.90
CA LEU A 129 2.84 4.16 -7.75
C LEU A 129 4.32 4.12 -8.19
N GLN A 130 4.64 3.37 -9.23
CA GLN A 130 6.01 3.39 -9.81
C GLN A 130 6.37 4.79 -10.29
N GLN A 131 5.45 5.39 -11.01
CA GLN A 131 5.64 6.68 -11.63
C GLN A 131 5.78 7.74 -10.54
N VAL A 132 5.03 7.63 -9.45
CA VAL A 132 5.20 8.52 -8.30
C VAL A 132 6.60 8.34 -7.66
N TYR A 133 6.99 7.10 -7.41
CA TYR A 133 8.28 6.81 -6.89
C TYR A 133 9.41 7.33 -7.80
N ASN A 134 9.27 7.10 -9.11
CA ASN A 134 10.25 7.57 -10.10
C ASN A 134 10.49 9.06 -9.97
N HIS A 135 9.41 9.80 -9.83
CA HIS A 135 9.52 11.24 -9.80
C HIS A 135 9.87 11.78 -8.46
N SER A 136 9.78 10.98 -7.39
CA SER A 136 9.97 11.51 -6.03
C SER A 136 11.26 11.15 -5.31
N VAL A 137 11.75 9.93 -5.49
CA VAL A 137 12.85 9.43 -4.65
C VAL A 137 14.21 9.55 -5.39
N THR A 138 15.03 10.50 -4.96
CA THR A 138 16.27 10.89 -5.68
C THR A 138 17.53 10.09 -5.26
N ASP A 139 17.65 9.75 -3.98
CA ASP A 139 18.81 9.00 -3.44
C ASP A 139 18.35 7.76 -2.66
N PRO A 140 18.09 6.62 -3.37
CA PRO A 140 17.50 5.41 -2.74
C PRO A 140 18.41 4.72 -1.71
N GLU A 141 19.70 5.02 -1.79
CA GLU A 141 20.71 4.47 -0.85
C GLU A 141 20.50 4.98 0.57
N LYS A 142 19.99 6.20 0.70
CA LYS A 142 19.76 6.80 2.02
C LYS A 142 18.57 6.14 2.75
N LEU A 143 17.91 5.16 2.13
CA LEU A 143 16.77 4.52 2.76
C LEU A 143 17.22 3.25 3.52
N ASN A 144 16.62 3.08 4.69
CA ASN A 144 16.96 1.99 5.61
C ASN A 144 16.21 0.71 5.26
N ASN A 145 16.80 -0.02 4.30
CA ASN A 145 16.17 -1.20 3.73
C ASN A 145 16.25 -2.48 4.66
N TYR A 146 15.61 -2.38 5.83
CA TYR A 146 15.62 -3.44 6.86
C TYR A 146 14.33 -4.27 6.88
N GLU A 147 13.33 -3.85 6.11
CA GLU A 147 12.07 -4.63 5.95
C GLU A 147 12.33 -5.77 4.94
N PRO A 148 11.39 -6.73 4.81
CA PRO A 148 11.57 -7.85 3.89
C PRO A 148 11.82 -7.41 2.44
N PHE A 149 11.17 -6.34 2.02
CA PHE A 149 11.46 -5.74 0.71
C PHE A 149 11.66 -4.25 0.88
N SER A 150 12.49 -3.68 0.02
CA SER A 150 12.80 -2.27 0.06
C SER A 150 11.88 -1.49 -0.91
N PRO A 151 11.76 -0.17 -0.69
CA PRO A 151 10.83 0.64 -1.49
C PRO A 151 11.16 0.58 -2.99
N GLU A 152 12.43 0.35 -3.35
CA GLU A 152 12.85 0.28 -4.76
C GLU A 152 12.10 -0.83 -5.53
N VAL A 153 11.71 -1.90 -4.82
CA VAL A 153 11.05 -3.03 -5.48
C VAL A 153 9.57 -3.18 -5.08
N TYR A 154 8.96 -2.09 -4.59
CA TYR A 154 7.60 -2.12 -4.05
C TYR A 154 6.60 -2.74 -5.02
N GLY A 155 6.69 -2.35 -6.29
CA GLY A 155 5.71 -2.77 -7.32
C GLY A 155 5.70 -4.27 -7.61
N GLU A 156 6.87 -4.90 -7.50
CA GLU A 156 7.00 -6.33 -7.77
C GLU A 156 6.74 -7.21 -6.52
N THR A 157 6.62 -6.60 -5.35
CA THR A 157 6.73 -7.35 -4.12
C THR A 157 5.68 -6.90 -3.09
N SER A 158 5.99 -5.87 -2.33
CA SER A 158 5.08 -5.45 -1.26
C SER A 158 3.74 -5.03 -1.83
N PHE A 159 3.72 -4.44 -3.02
CA PHE A 159 2.45 -4.05 -3.66
C PHE A 159 1.49 -5.25 -3.71
N ASP A 160 1.99 -6.42 -4.11
CA ASP A 160 1.13 -7.61 -4.24
C ASP A 160 0.70 -8.14 -2.87
N LEU A 161 1.58 -8.06 -1.86
CA LEU A 161 1.21 -8.42 -0.48
C LEU A 161 0.13 -7.49 0.08
N VAL A 162 0.29 -6.19 -0.18
CA VAL A 162 -0.70 -5.21 0.23
C VAL A 162 -2.02 -5.44 -0.51
N ALA A 163 -1.95 -5.72 -1.84
CA ALA A 163 -3.19 -5.98 -2.62
C ALA A 163 -3.91 -7.21 -2.08
N GLN A 164 -3.19 -8.28 -1.77
CA GLN A 164 -3.84 -9.46 -1.22
C GLN A 164 -4.50 -9.15 0.12
N MET A 165 -3.81 -8.38 0.96
CA MET A 165 -4.33 -7.99 2.26
C MET A 165 -5.62 -7.22 2.12
N ILE A 166 -5.61 -6.22 1.23
CA ILE A 166 -6.79 -5.41 0.95
C ILE A 166 -8.00 -6.31 0.62
N ASP A 167 -7.79 -7.30 -0.24
CA ASP A 167 -8.89 -8.20 -0.64
C ASP A 167 -9.37 -9.11 0.48
N GLU A 168 -8.46 -9.43 1.39
CA GLU A 168 -8.81 -10.24 2.55
C GLU A 168 -9.58 -9.41 3.58
N ILE A 169 -9.13 -8.22 3.93
CA ILE A 169 -9.77 -7.49 5.05
C ILE A 169 -11.06 -6.71 4.68
N LYS A 170 -11.24 -6.34 3.41
CA LYS A 170 -12.53 -5.81 2.92
C LYS A 170 -13.03 -4.64 3.79
N MET A 171 -12.24 -3.57 3.84
CA MET A 171 -12.57 -2.40 4.64
C MET A 171 -13.77 -1.67 4.09
N THR A 172 -14.53 -1.03 4.97
CA THR A 172 -15.71 -0.29 4.57
C THR A 172 -15.50 1.19 4.93
N ASP A 173 -16.53 2.01 4.70
CA ASP A 173 -16.44 3.41 5.07
C ASP A 173 -16.56 3.65 6.58
N ASP A 174 -16.79 2.60 7.35
CA ASP A 174 -16.68 2.68 8.82
C ASP A 174 -15.23 2.57 9.33
N ASP A 175 -14.28 2.24 8.47
CA ASP A 175 -12.93 1.97 8.94
C ASP A 175 -12.05 3.23 8.97
N LEU A 176 -10.96 3.13 9.70
CA LEU A 176 -9.95 4.15 9.77
C LEU A 176 -8.61 3.43 9.76
N PHE A 177 -7.77 3.74 8.76
CA PHE A 177 -6.53 3.04 8.50
C PHE A 177 -5.32 3.85 8.89
N VAL A 178 -4.37 3.25 9.62
CA VAL A 178 -3.12 3.87 9.93
C VAL A 178 -1.96 2.95 9.58
N ASP A 179 -0.97 3.48 8.87
CA ASP A 179 0.29 2.81 8.66
C ASP A 179 1.33 3.36 9.64
N LEU A 180 1.75 2.55 10.60
CA LEU A 180 2.76 2.94 11.58
C LEU A 180 4.17 2.70 11.06
N GLY A 181 4.89 3.78 10.76
CA GLY A 181 6.22 3.73 10.19
C GLY A 181 6.06 3.67 8.69
N SER A 182 5.53 4.74 8.13
CA SER A 182 4.99 4.67 6.76
C SER A 182 6.06 4.90 5.69
N GLY A 183 7.28 5.22 6.09
CA GLY A 183 8.40 5.29 5.14
C GLY A 183 8.14 6.44 4.18
N VAL A 184 8.30 6.17 2.88
CA VAL A 184 8.01 7.16 1.82
C VAL A 184 6.52 7.19 1.41
N GLY A 185 5.69 6.36 2.08
CA GLY A 185 4.25 6.46 1.98
C GLY A 185 3.56 5.49 1.06
N GLN A 186 4.29 4.54 0.49
CA GLN A 186 3.71 3.72 -0.55
C GLN A 186 2.47 2.91 -0.11
N VAL A 187 2.47 2.42 1.11
CA VAL A 187 1.35 1.57 1.52
C VAL A 187 0.10 2.42 1.63
N VAL A 188 0.22 3.60 2.23
CA VAL A 188 -0.90 4.50 2.42
C VAL A 188 -1.51 4.92 1.09
N LEU A 189 -0.66 5.24 0.11
CA LEU A 189 -1.13 5.64 -1.21
C LEU A 189 -1.88 4.51 -1.85
N GLN A 190 -1.36 3.30 -1.75
CA GLN A 190 -2.03 2.14 -2.35
C GLN A 190 -3.39 1.87 -1.72
N VAL A 191 -3.44 1.85 -0.40
CA VAL A 191 -4.68 1.54 0.28
C VAL A 191 -5.73 2.63 0.06
N ALA A 192 -5.32 3.90 0.07
CA ALA A 192 -6.22 5.03 -0.14
C ALA A 192 -6.81 5.01 -1.54
N ALA A 193 -6.07 4.48 -2.49
CA ALA A 193 -6.58 4.38 -3.86
C ALA A 193 -7.47 3.17 -4.07
N ALA A 194 -7.40 2.17 -3.19
CA ALA A 194 -8.05 0.89 -3.46
C ALA A 194 -9.23 0.52 -2.57
N THR A 195 -9.56 1.33 -1.57
CA THR A 195 -10.57 0.90 -0.56
C THR A 195 -11.63 1.95 -0.29
N ASN A 196 -12.79 1.46 0.17
CA ASN A 196 -13.90 2.31 0.57
C ASN A 196 -13.64 2.95 1.94
N CYS A 197 -12.56 2.55 2.61
CA CYS A 197 -12.17 3.17 3.86
C CYS A 197 -12.11 4.66 3.65
N LYS A 198 -12.50 5.41 4.67
CA LYS A 198 -12.75 6.86 4.57
C LYS A 198 -11.50 7.69 4.79
N HIS A 199 -10.69 7.24 5.76
CA HIS A 199 -9.55 7.99 6.26
C HIS A 199 -8.33 7.14 6.45
N HIS A 200 -7.20 7.68 6.02
CA HIS A 200 -5.94 6.95 5.92
C HIS A 200 -4.84 7.82 6.38
N TYR A 201 -4.04 7.34 7.32
CA TYR A 201 -2.92 8.08 7.82
C TYR A 201 -1.66 7.25 7.74
N GLY A 202 -0.54 7.91 7.52
CA GLY A 202 0.75 7.29 7.71
C GLY A 202 1.57 8.17 8.58
N VAL A 203 2.33 7.58 9.49
CA VAL A 203 3.20 8.36 10.33
C VAL A 203 4.61 7.79 10.26
N GLU A 204 5.60 8.68 10.17
CA GLU A 204 6.98 8.28 9.96
C GLU A 204 7.87 9.20 10.74
N LYS A 205 8.85 8.59 11.42
CA LYS A 205 9.74 9.26 12.36
C LYS A 205 10.95 9.84 11.63
N ALA A 206 11.49 9.12 10.65
CA ALA A 206 12.81 9.50 10.10
C ALA A 206 12.68 10.67 9.12
N ASP A 207 13.61 11.61 9.20
CA ASP A 207 13.61 12.84 8.41
C ASP A 207 13.62 12.59 6.92
N ILE A 208 14.50 11.70 6.46
CA ILE A 208 14.70 11.52 5.03
C ILE A 208 13.46 10.91 4.36
N PRO A 209 12.97 9.78 4.88
CA PRO A 209 11.75 9.24 4.24
C PRO A 209 10.51 10.15 4.37
N ALA A 210 10.31 10.80 5.51
CA ALA A 210 9.21 11.77 5.70
C ALA A 210 9.31 12.93 4.70
N LYS A 211 10.54 13.40 4.43
CA LYS A 211 10.77 14.40 3.37
C LYS A 211 10.38 13.85 1.99
N TYR A 212 10.86 12.66 1.65
CA TYR A 212 10.46 12.05 0.38
C TYR A 212 8.94 11.84 0.32
N ALA A 213 8.33 11.48 1.46
CA ALA A 213 6.88 11.26 1.53
C ALA A 213 6.07 12.51 1.12
N GLU A 214 6.57 13.71 1.41
CA GLU A 214 5.92 14.96 0.97
C GLU A 214 5.88 15.08 -0.54
N THR A 215 6.95 14.65 -1.22
CA THR A 215 6.97 14.68 -2.69
C THR A 215 6.08 13.61 -3.25
N MET A 216 6.12 12.42 -2.64
CA MET A 216 5.26 11.31 -3.07
C MET A 216 3.79 11.71 -3.02
N ASP A 217 3.43 12.42 -1.97
CA ASP A 217 2.06 12.90 -1.76
C ASP A 217 1.63 13.83 -2.93
N ARG A 218 2.47 14.81 -3.22
CA ARG A 218 2.23 15.78 -4.31
CA ARG A 218 2.22 15.78 -4.29
C ARG A 218 2.11 15.08 -5.66
N GLU A 219 3.04 14.18 -5.96
CA GLU A 219 3.04 13.50 -7.24
C GLU A 219 1.86 12.54 -7.38
N PHE A 220 1.47 11.86 -6.31
CA PHE A 220 0.36 10.91 -6.39
C PHE A 220 -0.93 11.66 -6.73
N ARG A 221 -1.19 12.77 -6.06
CA ARG A 221 -2.38 13.55 -6.32
C ARG A 221 -2.38 14.06 -7.77
N LYS A 222 -1.22 14.51 -8.25
CA LYS A 222 -1.06 14.96 -9.63
C LYS A 222 -1.33 13.83 -10.61
N TRP A 223 -0.72 12.66 -10.44
CA TRP A 223 -0.91 11.59 -11.41
C TRP A 223 -2.27 11.00 -11.38
N MET A 224 -2.86 10.87 -10.18
CA MET A 224 -4.22 10.37 -10.09
C MET A 224 -5.20 11.27 -10.86
N LYS A 225 -5.08 12.59 -10.73
CA LYS A 225 -5.89 13.52 -11.52
C LYS A 225 -5.58 13.38 -13.01
N TRP A 226 -4.30 13.19 -13.36
CA TRP A 226 -3.90 13.00 -14.76
C TRP A 226 -4.62 11.83 -15.44
N TYR A 227 -4.77 10.71 -14.73
CA TYR A 227 -5.48 9.52 -15.26
C TYR A 227 -6.97 9.57 -15.06
N GLY A 228 -7.45 10.55 -14.32
CA GLY A 228 -8.88 10.67 -14.06
C GLY A 228 -9.40 9.71 -12.99
N LYS A 229 -8.56 9.38 -12.03
CA LYS A 229 -8.87 8.37 -11.02
C LYS A 229 -9.02 8.97 -9.62
N LYS A 230 -9.85 8.33 -8.81
CA LYS A 230 -10.22 8.80 -7.47
C LYS A 230 -9.44 8.00 -6.42
N HIS A 231 -9.10 8.66 -5.32
CA HIS A 231 -8.56 8.04 -4.12
C HIS A 231 -9.32 8.59 -2.93
N ALA A 232 -9.34 7.83 -1.85
CA ALA A 232 -9.91 8.30 -0.58
C ALA A 232 -8.98 9.33 0.05
N GLU A 233 -9.47 10.00 1.08
CA GLU A 233 -8.67 10.99 1.82
C GLU A 233 -7.52 10.32 2.57
N TYR A 234 -6.37 10.99 2.59
CA TYR A 234 -5.21 10.47 3.30
C TYR A 234 -4.32 11.60 3.72
N THR A 235 -3.58 11.37 4.80
CA THR A 235 -2.62 12.30 5.33
C THR A 235 -1.35 11.52 5.65
N LEU A 236 -0.19 12.02 5.19
CA LEU A 236 1.11 11.49 5.56
C LEU A 236 1.75 12.48 6.52
N GLU A 237 2.09 12.05 7.74
CA GLU A 237 2.67 12.97 8.72
C GLU A 237 4.02 12.51 9.17
N ARG A 238 4.74 13.45 9.76
CA ARG A 238 5.93 13.16 10.48
C ARG A 238 5.58 13.03 11.95
N GLY A 239 6.17 12.05 12.60
CA GLY A 239 5.89 11.82 14.01
C GLY A 239 6.45 10.52 14.53
N ASP A 240 6.25 10.33 15.83
CA ASP A 240 6.72 9.17 16.57
C ASP A 240 5.48 8.41 16.99
N PHE A 241 5.31 7.17 16.53
CA PHE A 241 4.07 6.47 16.83
C PHE A 241 4.01 5.96 18.27
N LEU A 242 5.08 6.15 19.03
CA LEU A 242 5.07 5.83 20.44
C LEU A 242 4.72 7.02 21.35
N SER A 243 4.53 8.21 20.77
CA SER A 243 4.19 9.38 21.58
C SER A 243 2.78 9.28 22.20
N GLU A 244 2.52 10.18 23.13
CA GLU A 244 1.27 10.25 23.86
C GLU A 244 0.09 10.57 22.94
N GLU A 245 0.29 11.49 21.99
CA GLU A 245 -0.73 11.78 20.98
C GLU A 245 -1.11 10.51 20.22
N TRP A 246 -0.12 9.71 19.87
CA TRP A 246 -0.40 8.50 19.12
C TRP A 246 -1.05 7.39 19.92
N ARG A 247 -0.96 7.42 21.24
CA ARG A 247 -1.69 6.43 22.06
C ARG A 247 -3.18 6.46 21.79
N GLU A 248 -3.76 7.65 21.93
CA GLU A 248 -5.17 7.89 21.69
C GLU A 248 -5.54 7.57 20.24
N ARG A 249 -4.67 7.93 19.31
CA ARG A 249 -4.97 7.71 17.90
C ARG A 249 -5.00 6.21 17.57
N ILE A 250 -4.00 5.48 18.02
CA ILE A 250 -3.97 4.03 17.81
C ILE A 250 -5.22 3.37 18.42
N ALA A 251 -5.60 3.80 19.62
CA ALA A 251 -6.79 3.27 20.30
C ALA A 251 -8.07 3.40 19.48
N ASN A 252 -8.15 4.45 18.66
CA ASN A 252 -9.37 4.71 17.85
C ASN A 252 -9.24 4.31 16.36
N THR A 253 -8.18 3.57 16.04
CA THR A 253 -7.95 3.08 14.67
C THR A 253 -8.59 1.72 14.49
N SER A 254 -9.21 1.48 13.36
CA SER A 254 -9.80 0.17 13.14
C SER A 254 -8.86 -0.80 12.40
N VAL A 255 -7.95 -0.29 11.56
CA VAL A 255 -7.00 -1.16 10.85
C VAL A 255 -5.63 -0.51 10.91
N ILE A 256 -4.68 -1.24 11.47
CA ILE A 256 -3.29 -0.84 11.55
C ILE A 256 -2.44 -1.72 10.65
N PHE A 257 -1.49 -1.09 9.95
CA PHE A 257 -0.47 -1.81 9.20
C PHE A 257 0.83 -1.41 9.80
N VAL A 258 1.70 -2.36 10.10
CA VAL A 258 2.98 -2.02 10.68
C VAL A 258 4.01 -3.02 10.20
N ASN A 259 5.08 -2.50 9.61
CA ASN A 259 6.13 -3.34 9.05
C ASN A 259 7.23 -3.45 10.10
N ASN A 260 6.98 -4.36 11.05
CA ASN A 260 7.75 -4.48 12.25
C ASN A 260 8.81 -5.57 12.23
N PHE A 261 8.96 -6.20 11.07
CA PHE A 261 9.94 -7.28 10.85
C PHE A 261 11.26 -7.05 11.62
N ALA A 262 11.84 -5.86 11.47
CA ALA A 262 13.17 -5.55 12.05
C ALA A 262 13.16 -4.86 13.45
N PHE A 263 11.99 -4.57 13.99
CA PHE A 263 11.88 -3.88 15.30
C PHE A 263 12.42 -4.71 16.46
N GLY A 264 13.05 -4.05 17.43
CA GLY A 264 13.58 -4.75 18.62
C GLY A 264 12.48 -5.08 19.61
N PRO A 265 12.79 -5.94 20.61
CA PRO A 265 11.80 -6.33 21.62
C PRO A 265 11.15 -5.16 22.36
N GLU A 266 11.89 -4.10 22.66
CA GLU A 266 11.30 -2.97 23.41
C GLU A 266 10.25 -2.26 22.57
N VAL A 267 10.55 -2.02 21.29
CA VAL A 267 9.54 -1.42 20.43
C VAL A 267 8.31 -2.33 20.30
N ASP A 268 8.49 -3.63 20.09
CA ASP A 268 7.31 -4.51 19.93
C ASP A 268 6.51 -4.53 21.25
N HIS A 269 7.19 -4.47 22.39
CA HIS A 269 6.50 -4.43 23.70
C HIS A 269 5.62 -3.22 23.82
N GLN A 270 6.18 -2.08 23.46
CA GLN A 270 5.44 -0.83 23.52
C GLN A 270 4.25 -0.82 22.56
N LEU A 271 4.41 -1.42 21.38
CA LEU A 271 3.32 -1.47 20.42
C LEU A 271 2.16 -2.31 20.95
N LYS A 272 2.50 -3.47 21.50
CA LYS A 272 1.52 -4.33 22.17
C LYS A 272 0.70 -3.58 23.21
N GLU A 273 1.33 -2.74 24.02
N GLU A 273 1.35 -2.74 24.03
CA GLU A 273 0.60 -1.94 25.00
CA GLU A 273 0.61 -1.93 25.02
C GLU A 273 -0.37 -0.97 24.33
C GLU A 273 -0.35 -0.95 24.35
N ARG A 274 0.00 -0.43 23.19
CA ARG A 274 -0.91 0.48 22.48
C ARG A 274 -2.05 -0.27 21.83
N PHE A 275 -1.79 -1.47 21.29
CA PHE A 275 -2.85 -2.24 20.64
C PHE A 275 -3.89 -2.75 21.63
N ALA A 276 -3.47 -2.95 22.89
CA ALA A 276 -4.35 -3.46 23.93
C ALA A 276 -5.50 -2.48 24.29
N ASN A 277 -5.42 -1.24 23.79
CA ASN A 277 -6.53 -0.29 23.91
C ASN A 277 -7.47 -0.23 22.71
N MET A 278 -7.20 -0.99 21.67
CA MET A 278 -8.04 -0.93 20.48
C MET A 278 -9.39 -1.57 20.78
N LYS A 279 -10.36 -1.22 19.94
CA LYS A 279 -11.73 -1.65 20.12
C LYS A 279 -11.90 -3.04 19.53
N GLU A 280 -12.93 -3.75 19.98
CA GLU A 280 -13.25 -5.10 19.47
C GLU A 280 -13.39 -5.09 17.95
N GLY A 281 -12.81 -6.09 17.28
CA GLY A 281 -12.83 -6.15 15.80
C GLY A 281 -11.73 -5.32 15.13
N GLY A 282 -11.02 -4.49 15.91
CA GLY A 282 -9.81 -3.86 15.44
C GLY A 282 -8.85 -4.90 14.84
N ARG A 283 -8.13 -4.51 13.79
CA ARG A 283 -7.22 -5.42 13.14
C ARG A 283 -5.85 -4.81 12.95
N ILE A 284 -4.84 -5.65 13.03
CA ILE A 284 -3.45 -5.25 12.80
C ILE A 284 -2.81 -6.23 11.83
N VAL A 285 -2.22 -5.69 10.76
CA VAL A 285 -1.51 -6.50 9.77
C VAL A 285 -0.05 -6.14 9.91
N SER A 286 0.81 -7.12 10.06
CA SER A 286 2.21 -6.81 10.30
C SER A 286 3.06 -7.84 9.62
N SER A 287 4.36 -7.58 9.59
CA SER A 287 5.29 -8.45 8.96
C SER A 287 5.93 -9.39 9.95
N LYS A 288 5.61 -9.22 11.22
CA LYS A 288 6.01 -10.15 12.24
C LYS A 288 4.92 -10.25 13.29
N PRO A 289 4.49 -11.47 13.65
CA PRO A 289 3.36 -11.55 14.53
C PRO A 289 3.64 -10.98 15.96
N PHE A 290 2.62 -10.46 16.61
CA PHE A 290 2.73 -9.91 17.94
C PHE A 290 2.33 -10.92 19.01
N ALA A 291 1.79 -12.07 18.61
CA ALA A 291 1.43 -13.12 19.56
C ALA A 291 1.57 -14.44 18.85
N PRO A 292 1.72 -15.56 19.60
CA PRO A 292 1.76 -16.89 18.96
C PRO A 292 0.49 -17.16 18.16
N LEU A 293 0.61 -17.90 17.07
CA LEU A 293 -0.53 -18.25 16.22
C LEU A 293 -1.47 -19.27 16.86
N ASN A 294 -0.96 -20.01 17.86
CA ASN A 294 -1.65 -21.09 18.57
C ASN A 294 -1.65 -20.82 20.08
N PHE A 295 -2.01 -19.60 20.46
CA PHE A 295 -2.04 -19.22 21.85
C PHE A 295 -3.08 -20.06 22.58
N ARG A 296 -2.73 -20.50 23.80
CA ARG A 296 -3.58 -21.31 24.67
C ARG A 296 -3.51 -20.61 26.02
N ILE A 297 -4.61 -19.95 26.37
CA ILE A 297 -4.64 -19.09 27.53
C ILE A 297 -4.66 -19.95 28.81
N ASN A 298 -3.96 -19.50 29.86
CA ASN A 298 -3.89 -20.20 31.13
C ASN A 298 -3.46 -19.20 32.22
N SER A 299 -3.20 -19.70 33.43
CA SER A 299 -2.98 -18.86 34.61
C SER A 299 -1.75 -17.99 34.56
N ARG A 300 -0.70 -18.46 33.89
CA ARG A 300 0.59 -17.71 33.87
C ARG A 300 0.67 -16.63 32.77
N ASN A 301 -0.11 -16.79 31.69
CA ASN A 301 -0.04 -15.89 30.50
C ASN A 301 -1.23 -14.91 30.36
N LEU A 302 -1.93 -14.64 31.47
CA LEU A 302 -3.20 -13.90 31.46
C LEU A 302 -3.13 -12.47 31.00
N SER A 303 -1.98 -11.84 31.20
CA SER A 303 -1.77 -10.44 30.89
CA SER A 303 -1.80 -10.43 30.87
C SER A 303 -1.20 -10.26 29.46
N ASP A 304 -0.76 -11.37 28.85
CA ASP A 304 -0.19 -11.35 27.47
C ASP A 304 -1.21 -10.95 26.38
N ILE A 305 -0.72 -10.33 25.30
CA ILE A 305 -1.63 -9.81 24.28
C ILE A 305 -2.40 -10.90 23.52
N GLY A 306 -1.87 -12.11 23.45
CA GLY A 306 -2.61 -13.21 22.84
C GLY A 306 -3.94 -13.56 23.50
N THR A 307 -4.17 -13.07 24.71
CA THR A 307 -5.47 -13.26 25.35
C THR A 307 -6.57 -12.41 24.73
N ILE A 308 -6.22 -11.35 24.00
CA ILE A 308 -7.26 -10.48 23.38
C ILE A 308 -7.26 -10.44 21.84
N MET A 309 -6.53 -11.32 21.18
CA MET A 309 -6.54 -11.33 19.72
C MET A 309 -6.32 -12.68 19.07
N ARG A 310 -7.02 -12.91 17.94
CA ARG A 310 -6.76 -14.04 17.05
C ARG A 310 -5.68 -13.61 16.09
N VAL A 311 -4.78 -14.53 15.76
CA VAL A 311 -3.67 -14.24 14.88
C VAL A 311 -3.62 -15.33 13.81
N VAL A 312 -3.57 -14.93 12.54
CA VAL A 312 -3.42 -15.86 11.45
C VAL A 312 -2.37 -15.36 10.50
N GLU A 313 -1.68 -16.27 9.85
CA GLU A 313 -0.74 -15.92 8.80
C GLU A 313 -1.51 -15.82 7.50
N LEU A 314 -1.29 -14.74 6.75
CA LEU A 314 -1.91 -14.58 5.43
C LEU A 314 -1.08 -15.33 4.36
N SER A 315 -1.72 -15.65 3.21
CA SER A 315 -1.05 -16.28 2.08
C SER A 315 0.22 -15.53 1.71
N PRO A 316 1.31 -16.26 1.45
CA PRO A 316 2.55 -15.61 1.10
C PRO A 316 2.56 -15.07 -0.32
N LEU A 317 3.58 -14.28 -0.63
CA LEU A 317 3.78 -13.78 -2.00
C LEU A 317 4.45 -14.89 -2.78
N LYS A 318 3.79 -15.37 -3.85
CA LYS A 318 4.38 -16.44 -4.68
C LYS A 318 5.43 -15.85 -5.63
N GLY A 319 6.55 -16.54 -5.78
CA GLY A 319 7.54 -16.24 -6.84
C GLY A 319 8.60 -15.19 -6.54
N SER A 320 8.63 -14.70 -5.30
CA SER A 320 9.72 -13.85 -4.83
C SER A 320 10.18 -14.31 -3.43
N VAL A 321 11.40 -13.94 -3.08
CA VAL A 321 11.92 -14.18 -1.76
C VAL A 321 12.57 -12.88 -1.31
N SER A 322 12.58 -12.61 0.00
CA SER A 322 13.29 -11.43 0.47
C SER A 322 14.79 -11.73 0.48
N TRP A 323 15.56 -10.73 0.87
CA TRP A 323 17.01 -10.91 1.08
C TRP A 323 17.34 -11.95 2.11
N THR A 324 16.39 -12.39 2.93
CA THR A 324 16.66 -13.54 3.83
C THR A 324 16.78 -14.82 3.04
N GLY A 325 16.23 -14.83 1.83
CA GLY A 325 16.18 -16.02 1.01
C GLY A 325 14.89 -16.81 1.20
N LYS A 326 13.97 -16.29 2.03
CA LYS A 326 12.73 -16.98 2.35
C LYS A 326 11.49 -16.27 1.78
N PRO A 327 10.40 -17.02 1.51
CA PRO A 327 9.13 -16.39 1.13
C PRO A 327 8.64 -15.43 2.21
N VAL A 328 7.85 -14.43 1.84
CA VAL A 328 7.38 -13.43 2.77
C VAL A 328 5.86 -13.53 2.91
N SER A 329 5.37 -13.44 4.12
CA SER A 329 3.95 -13.22 4.33
C SER A 329 3.68 -12.29 5.50
N TYR A 330 2.45 -11.79 5.57
CA TYR A 330 2.03 -10.90 6.60
C TYR A 330 1.16 -11.66 7.58
N TYR A 331 0.81 -10.99 8.68
CA TYR A 331 0.12 -11.61 9.77
C TYR A 331 -1.02 -10.71 10.15
N LEU A 332 -2.23 -11.27 10.21
CA LEU A 332 -3.43 -10.55 10.61
C LEU A 332 -3.85 -10.87 12.05
N HIS A 333 -3.96 -9.84 12.88
CA HIS A 333 -4.40 -9.92 14.25
C HIS A 333 -5.72 -9.23 14.35
N THR A 334 -6.69 -9.89 14.97
CA THR A 334 -8.03 -9.35 15.13
C THR A 334 -8.37 -9.30 16.62
N ILE A 335 -8.74 -8.13 17.12
CA ILE A 335 -9.01 -7.96 18.54
C ILE A 335 -10.30 -8.72 18.84
N ASP A 336 -10.24 -9.63 19.81
CA ASP A 336 -11.33 -10.54 20.11
C ASP A 336 -11.24 -10.93 21.60
N ARG A 337 -11.98 -10.22 22.42
CA ARG A 337 -11.94 -10.43 23.87
C ARG A 337 -12.80 -11.60 24.36
N THR A 338 -13.50 -12.29 23.45
CA THR A 338 -14.24 -13.52 23.82
C THR A 338 -13.26 -14.64 24.25
N ILE A 339 -12.02 -14.56 23.82
CA ILE A 339 -11.02 -15.52 24.26
C ILE A 339 -10.86 -15.46 25.79
N LEU A 340 -10.73 -14.24 26.28
CA LEU A 340 -10.60 -13.98 27.66
C LEU A 340 -11.95 -14.20 28.39
N GLU A 341 -13.06 -13.76 27.80
CA GLU A 341 -14.38 -13.95 28.39
CA GLU A 341 -14.39 -13.97 28.41
C GLU A 341 -14.63 -15.44 28.67
N ASN A 342 -14.34 -16.28 27.68
CA ASN A 342 -14.55 -17.73 27.79
C ASN A 342 -13.68 -18.37 28.83
N TYR A 343 -12.44 -17.89 28.96
CA TYR A 343 -11.53 -18.37 30.01
C TYR A 343 -12.11 -18.08 31.42
N PHE A 344 -12.57 -16.86 31.66
CA PHE A 344 -13.14 -16.55 32.97
C PHE A 344 -14.43 -17.31 33.27
N SER A 345 -15.29 -17.50 32.27
CA SER A 345 -16.49 -18.30 32.44
C SER A 345 -16.16 -19.72 32.82
N SER A 346 -15.09 -20.28 32.25
CA SER A 346 -14.65 -21.62 32.60
CA SER A 346 -14.72 -21.63 32.61
C SER A 346 -14.13 -21.69 34.03
N LEU A 347 -13.34 -20.69 34.42
CA LEU A 347 -12.82 -20.61 35.81
C LEU A 347 -13.94 -20.66 36.83
N LYS A 348 -15.06 -20.06 36.48
CA LYS A 348 -16.22 -19.98 37.37
C LYS A 348 -16.83 -21.32 37.65
N ASN A 349 -16.86 -22.17 36.65
CA ASN A 349 -17.47 -23.48 36.75
C ASN A 349 -16.43 -24.48 37.28
N PRO A 350 -16.64 -25.02 38.48
CA PRO A 350 -15.64 -25.93 39.09
C PRO A 350 -15.25 -27.14 38.20
N LYS A 351 -16.23 -27.72 37.53
CA LYS A 351 -16.03 -28.82 36.59
C LYS A 351 -15.07 -28.40 35.49
N LEU A 352 -15.41 -27.33 34.77
CA LEU A 352 -14.58 -26.82 33.70
C LEU A 352 -13.24 -26.36 34.22
N ARG A 353 -13.18 -25.85 35.43
CA ARG A 353 -11.90 -25.44 35.99
C ARG A 353 -10.98 -26.66 36.24
N GLU A 354 -11.52 -27.75 36.75
CA GLU A 354 -10.75 -28.99 36.89
C GLU A 354 -10.24 -29.49 35.52
N GLU A 355 -11.08 -29.40 34.49
CA GLU A 355 -10.71 -29.86 33.13
C GLU A 355 -9.63 -28.96 32.52
N GLN A 356 -9.69 -27.64 32.76
CA GLN A 356 -8.62 -26.74 32.31
C GLN A 356 -7.29 -27.05 32.97
N GLU A 357 -7.32 -27.34 34.27
CA GLU A 357 -6.10 -27.73 34.98
C GLU A 357 -5.58 -29.11 34.52
N ALA A 358 -6.47 -29.99 34.09
CA ALA A 358 -6.07 -31.33 33.60
C ALA A 358 -5.50 -31.27 32.17
N ALA A 359 -5.99 -30.34 31.36
CA ALA A 359 -5.47 -30.14 29.98
C ALA A 359 -4.12 -29.43 29.98
N ARG A 360 -3.97 -28.39 30.81
CA ARG A 360 -2.66 -27.72 30.99
C ARG A 360 -1.61 -28.72 31.44
N ARG A 361 -1.97 -29.60 32.38
CA ARG A 361 -1.07 -30.66 32.86
C ARG A 361 -1.04 -31.96 31.97
N ARG A 362 -1.50 -31.87 30.72
CA ARG A 362 -1.50 -33.03 29.78
C ARG A 362 -1.03 -32.62 28.37
O5' 5ID B . 8.69 -0.03 9.34
C5' 5ID B . 9.93 0.63 9.37
C4' 5ID B . 9.63 2.09 9.38
O4' 5ID B . 9.23 2.44 10.74
C1' 5ID B . 9.76 3.79 10.95
N9 5ID B . 9.75 3.92 12.41
C8 5ID B . 10.47 3.15 13.23
C7 5ID B . 10.21 3.48 14.49
C5 5ID B . 9.26 4.51 14.49
C6 5ID B . 8.58 5.30 15.44
N1 5ID B . 7.70 6.22 15.01
C2 5ID B . 7.47 6.42 13.70
N3 5ID B . 8.10 5.69 12.76
C4 5ID B . 9.00 4.76 13.13
N6 5ID B . 8.77 5.16 16.76
C2' 5ID B . 11.16 3.61 10.46
O2' 5ID B . 11.77 4.89 10.28
C3' 5ID B . 10.89 2.92 9.10
O3' 5ID B . 10.55 3.90 8.11
IAE 5ID B . 11.23 2.41 16.03
I IOD C . 11.40 4.03 18.56
I IOD D . 13.89 -0.95 17.14
NA NA E . -4.49 -1.95 -31.61
UNK UNX F . -20.79 12.22 -25.48
UNK UNX G . 13.40 -2.70 3.26
UNK UNX H . -7.21 11.75 6.34
UNK UNX I . 0.81 -12.18 3.31
UNK UNX J . 21.39 8.26 -5.69
UNK UNX K . 1.24 2.75 -32.58
#